data_4MOO
#
_entry.id   4MOO
#
_cell.length_a   101.672
_cell.length_b   101.672
_cell.length_c   127.562
_cell.angle_alpha   90.00
_cell.angle_beta   90.00
_cell.angle_gamma   90.00
#
_symmetry.space_group_name_H-M   'P 42 21 2'
#
loop_
_entity.id
_entity.type
_entity.pdbx_description
1 polymer 'Pyranose 2-oxidase'
2 non-polymer 'DIHYDROFLAVINE-ADENINE DINUCLEOTIDE'
3 non-polymer 2-deoxy-2-fluoro-alpha-D-galactopyranose
4 water water
#
_entity_poly.entity_id   1
_entity_poly.type   'polypeptide(L)'
_entity_poly.pdbx_seq_one_letter_code
;MATSSSDPFFNFAKSSFRSAAAQKASASSLPPLPGPDKKVPGMDIKYDVVIVGSGPIGCTYARELVGAGYKVAMFDIGEI
DSGLKIGAHKKNTVEYQKNIDKFVNVIQGQLMSVSVPVNTLVVDTLSPTSWQASTFFVRNGSNPEQDPLRNLSGQAVTRV
VGGMSTHWTCATPRFDREQRPLLVKDDADADDAEWDRLYTKAESYFQTGTDQFKESIRHNLVLNKLTEEYKGQRDFQQIP
LAATRRSPTFVEWSSANTVFDLQNRPNTDAPEERFNLFPAVACERVVRNALNSEIESLHIHDLISGDRFEIKADVYVLTA
GAVHNTQLLVNSGFGQLGRPNPANPPELLPSLGSYITEQSLVFCQTVMSTELIDSVKSDMTIRGTPGELTYSVTYTPGAS
TNKHPDWWNEKVKNHMMQHQEDPLPIPFEDPEPQVTTLFQPSHPWHTQIGRDAFSYGAVQQSIDSRLIVDWRFFGRTEPK
EENKLWFSDKITDAYNMPQPTFDFRFPAGRTSKEAEDMMTDMCVMSAKIGGFLPGSLPQFMEPGLVLHLGGTHRMGFDEK
EDNCCVNTDSRVFGFKNLFLGGCGNIPTAYGANPTLTAMSLAIKSCEYIKQNFTPSPFTSEAAAALEHHHHHH
;
_entity_poly.pdbx_strand_id   A
#
# COMPACT_ATOMS: atom_id res chain seq x y z
N MET A 43 -27.40 -11.27 -12.34
CA MET A 43 -26.19 -12.06 -12.67
C MET A 43 -26.40 -12.90 -13.93
N ASP A 44 -25.48 -12.79 -14.89
CA ASP A 44 -25.51 -13.64 -16.11
C ASP A 44 -24.73 -14.92 -15.90
N ILE A 45 -24.89 -15.77 -16.90
CA ILE A 45 -24.16 -17.03 -17.00
C ILE A 45 -22.73 -16.77 -17.43
N LYS A 46 -22.59 -15.87 -18.43
CA LYS A 46 -21.39 -15.73 -19.25
C LYS A 46 -20.93 -14.27 -19.51
N TYR A 47 -19.65 -14.00 -19.24
CA TYR A 47 -19.05 -12.70 -19.41
C TYR A 47 -17.84 -12.80 -20.31
N ASP A 48 -17.39 -11.67 -20.83
CA ASP A 48 -16.14 -11.65 -21.60
C ASP A 48 -14.97 -11.81 -20.65
N VAL A 49 -15.03 -11.06 -19.54
CA VAL A 49 -13.92 -11.03 -18.58
C VAL A 49 -14.48 -11.04 -17.20
N VAL A 50 -13.86 -11.81 -16.33
CA VAL A 50 -14.21 -11.76 -14.90
C VAL A 50 -12.97 -11.33 -14.16
N ILE A 51 -13.21 -10.41 -13.22
CA ILE A 51 -12.17 -9.90 -12.34
C ILE A 51 -12.50 -10.19 -10.88
N VAL A 52 -11.53 -10.78 -10.21
CA VAL A 52 -11.70 -11.19 -8.80
C VAL A 52 -10.93 -10.18 -7.97
N GLY A 53 -11.69 -9.43 -7.19
CA GLY A 53 -11.21 -8.23 -6.44
C GLY A 53 -11.33 -6.85 -7.11
N SER A 54 -11.77 -5.88 -6.27
CA SER A 54 -12.06 -4.53 -6.62
C SER A 54 -11.12 -3.50 -6.08
N GLY A 55 -9.92 -3.93 -5.70
CA GLY A 55 -8.90 -2.99 -5.30
C GLY A 55 -8.41 -2.25 -6.50
N PRO A 56 -7.39 -1.45 -6.31
CA PRO A 56 -6.93 -0.57 -7.40
C PRO A 56 -6.37 -1.36 -8.62
N ILE A 57 -5.95 -2.61 -8.38
CA ILE A 57 -5.34 -3.41 -9.48
C ILE A 57 -6.49 -4.01 -10.29
N GLY A 58 -7.47 -4.60 -9.61
CA GLY A 58 -8.75 -5.00 -10.27
C GLY A 58 -9.34 -3.92 -11.06
N CYS A 59 -9.29 -2.71 -10.47
CA CYS A 59 -9.89 -1.59 -11.13
C CYS A 59 -9.09 -1.10 -12.32
N THR A 60 -7.80 -1.46 -12.39
CA THR A 60 -6.97 -1.06 -13.56
C THR A 60 -7.44 -1.90 -14.71
N TYR A 61 -7.62 -3.20 -14.43
CA TYR A 61 -8.18 -4.15 -15.40
C TYR A 61 -9.56 -3.70 -15.80
N ALA A 62 -10.42 -3.30 -14.84
CA ALA A 62 -11.74 -2.84 -15.31
C ALA A 62 -11.66 -1.63 -16.18
N ARG A 63 -10.91 -0.62 -15.74
CA ARG A 63 -10.79 0.61 -16.55
C ARG A 63 -10.40 0.32 -17.99
N GLU A 64 -9.33 -0.47 -18.17
CA GLU A 64 -8.82 -0.82 -19.49
C GLU A 64 -9.78 -1.67 -20.31
N LEU A 65 -10.37 -2.67 -19.70
CA LEU A 65 -11.21 -3.62 -20.46
C LEU A 65 -12.65 -3.17 -20.65
N VAL A 66 -13.26 -2.62 -19.63
CA VAL A 66 -14.56 -1.95 -19.83
C VAL A 66 -14.45 -0.89 -20.90
N GLY A 67 -13.34 -0.14 -20.86
CA GLY A 67 -13.10 0.87 -21.84
C GLY A 67 -12.95 0.36 -23.24
N ALA A 68 -12.33 -0.81 -23.38
CA ALA A 68 -12.07 -1.42 -24.70
C ALA A 68 -13.29 -2.19 -25.23
N GLY A 69 -14.39 -2.11 -24.47
CA GLY A 69 -15.65 -2.70 -24.87
C GLY A 69 -15.99 -4.14 -24.51
N TYR A 70 -15.32 -4.68 -23.50
CA TYR A 70 -15.54 -6.03 -23.08
C TYR A 70 -16.74 -6.02 -22.13
N LYS A 71 -17.48 -7.12 -22.10
CA LYS A 71 -18.50 -7.37 -21.04
C LYS A 71 -17.77 -7.90 -19.82
N VAL A 72 -17.71 -7.07 -18.77
CA VAL A 72 -16.88 -7.33 -17.58
C VAL A 72 -17.80 -7.58 -16.38
N ALA A 73 -17.51 -8.64 -15.60
CA ALA A 73 -18.06 -8.83 -14.23
C ALA A 73 -16.85 -8.75 -13.28
N MET A 74 -17.06 -8.09 -12.15
CA MET A 74 -16.04 -8.04 -11.05
C MET A 74 -16.72 -8.47 -9.77
N PHE A 75 -16.08 -9.38 -9.04
CA PHE A 75 -16.57 -9.91 -7.79
C PHE A 75 -15.65 -9.44 -6.63
N ASP A 76 -16.24 -9.09 -5.50
CA ASP A 76 -15.41 -8.84 -4.30
C ASP A 76 -16.07 -9.53 -3.15
N ILE A 77 -15.30 -10.14 -2.28
CA ILE A 77 -15.71 -10.78 -1.06
C ILE A 77 -16.27 -9.82 -0.05
N GLY A 78 -15.84 -8.61 -0.18
CA GLY A 78 -16.28 -7.50 0.70
C GLY A 78 -17.39 -6.70 0.12
N GLU A 79 -17.84 -5.67 0.85
CA GLU A 79 -19.05 -4.97 0.49
C GLU A 79 -18.76 -3.48 0.30
N ILE A 80 -19.73 -2.80 -0.31
CA ILE A 80 -19.63 -1.41 -0.57
C ILE A 80 -19.88 -0.69 0.76
N ASP A 81 -18.89 -0.01 1.25
CA ASP A 81 -19.10 0.71 2.47
C ASP A 81 -18.37 2.10 2.56
N SER A 82 -18.01 2.72 1.42
CA SER A 82 -17.29 4.01 1.23
C SER A 82 -18.15 5.25 0.87
N GLY A 83 -19.46 5.16 0.97
CA GLY A 83 -20.30 6.23 0.46
C GLY A 83 -20.75 6.01 -0.98
N LEU A 84 -21.33 7.04 -1.58
CA LEU A 84 -21.90 6.86 -2.91
C LEU A 84 -20.81 6.75 -3.97
N LYS A 85 -19.59 7.16 -3.68
CA LYS A 85 -18.55 6.88 -4.63
C LYS A 85 -17.94 5.56 -4.22
N ILE A 86 -18.16 4.57 -5.07
CA ILE A 86 -17.96 3.19 -4.72
C ILE A 86 -16.48 2.93 -4.72
N GLY A 87 -15.96 2.37 -3.63
CA GLY A 87 -14.53 2.08 -3.64
C GLY A 87 -13.61 3.25 -3.39
N ALA A 88 -14.18 4.37 -2.98
CA ALA A 88 -13.39 5.61 -2.77
C ALA A 88 -12.63 5.66 -1.43
N HIS A 89 -11.77 6.69 -1.25
CA HIS A 89 -10.96 6.72 -0.08
C HIS A 89 -11.78 7.15 1.10
N LYS A 90 -11.70 6.39 2.20
CA LYS A 90 -12.51 6.73 3.39
C LYS A 90 -12.08 7.99 4.12
N LYS A 91 -10.92 8.48 3.82
CA LYS A 91 -10.40 9.71 4.47
C LYS A 91 -10.87 11.00 3.76
N ASN A 92 -11.66 10.87 2.71
CA ASN A 92 -12.22 12.03 1.97
C ASN A 92 -13.54 12.50 2.49
N THR A 93 -13.73 12.51 3.79
CA THR A 93 -14.88 13.17 4.37
C THR A 93 -14.35 14.42 5.03
N VAL A 94 -15.22 15.42 5.09
CA VAL A 94 -14.89 16.70 5.76
C VAL A 94 -14.52 16.42 7.23
N GLU A 95 -15.24 15.50 7.86
CA GLU A 95 -15.01 15.15 9.28
C GLU A 95 -13.67 14.53 9.49
N TYR A 96 -13.23 13.59 8.62
CA TYR A 96 -11.90 12.95 8.85
C TYR A 96 -10.86 13.98 8.53
N GLN A 97 -11.02 14.83 7.54
CA GLN A 97 -9.97 15.82 7.43
C GLN A 97 -9.95 16.94 8.47
N LYS A 98 -11.01 17.08 9.27
CA LYS A 98 -10.99 17.95 10.43
C LYS A 98 -10.50 17.27 11.73
N ASN A 99 -10.44 15.94 11.69
CA ASN A 99 -10.11 15.11 12.84
C ASN A 99 -9.22 14.00 12.37
N ILE A 100 -8.03 14.28 11.78
CA ILE A 100 -7.33 13.24 11.06
C ILE A 100 -6.73 12.18 12.00
N ASP A 101 -6.46 12.59 13.23
CA ASP A 101 -6.07 11.70 14.35
C ASP A 101 -7.01 10.50 14.59
N LYS A 102 -8.23 10.58 14.09
CA LYS A 102 -9.22 9.49 14.29
C LYS A 102 -9.11 8.48 13.14
N PHE A 103 -8.46 8.80 12.03
CA PHE A 103 -8.50 7.87 10.89
C PHE A 103 -7.75 6.58 11.18
N VAL A 104 -6.72 6.59 12.01
CA VAL A 104 -6.05 5.34 12.36
C VAL A 104 -7.08 4.27 12.73
N ASN A 105 -8.14 4.66 13.43
CA ASN A 105 -9.15 3.70 13.83
C ASN A 105 -9.87 3.06 12.63
N VAL A 106 -10.13 3.83 11.57
CA VAL A 106 -10.70 3.25 10.33
C VAL A 106 -9.73 2.19 9.72
N ILE A 107 -8.46 2.50 9.72
CA ILE A 107 -7.47 1.54 9.12
C ILE A 107 -7.48 0.24 9.94
N GLN A 108 -7.34 0.40 11.27
CA GLN A 108 -7.29 -0.75 12.15
C GLN A 108 -8.52 -1.60 12.05
N GLY A 109 -9.69 -0.99 11.89
CA GLY A 109 -10.93 -1.76 11.75
C GLY A 109 -11.15 -2.54 10.47
N GLN A 110 -10.26 -2.37 9.51
CA GLN A 110 -10.27 -3.24 8.37
C GLN A 110 -8.91 -3.81 8.04
N LEU A 111 -8.09 -4.01 9.05
CA LEU A 111 -6.92 -4.88 8.84
C LEU A 111 -7.14 -6.16 9.66
N MET A 112 -7.39 -7.27 8.98
CA MET A 112 -7.67 -8.53 9.64
C MET A 112 -6.42 -9.40 9.49
N SER A 113 -5.80 -9.73 10.61
CA SER A 113 -4.56 -10.46 10.59
C SER A 113 -4.60 -11.71 9.76
N VAL A 114 -3.53 -11.94 9.00
CA VAL A 114 -3.39 -13.13 8.15
C VAL A 114 -3.21 -14.44 8.89
N SER A 115 -2.31 -14.49 9.90
CA SER A 115 -1.94 -15.72 10.55
C SER A 115 -1.50 -15.38 11.99
N VAL A 116 -2.32 -15.82 12.96
CA VAL A 116 -2.10 -15.53 14.36
C VAL A 116 -1.70 -16.82 15.00
N PRO A 117 -0.49 -16.88 15.58
CA PRO A 117 -0.12 -18.16 16.24
C PRO A 117 -0.88 -18.38 17.51
N VAL A 118 -0.87 -19.65 17.93
CA VAL A 118 -1.44 -20.02 19.21
C VAL A 118 -0.85 -19.20 20.38
N ASN A 119 -1.74 -18.68 21.21
CA ASN A 119 -1.35 -17.78 22.28
C ASN A 119 -0.82 -18.60 23.44
N THR A 120 0.24 -18.14 24.11
CA THR A 120 0.79 -18.84 25.21
C THR A 120 1.00 -17.90 26.42
N LEU A 121 0.25 -16.79 26.45
CA LEU A 121 0.32 -15.86 27.60
C LEU A 121 -0.22 -16.51 28.83
N VAL A 122 0.48 -16.35 29.98
CA VAL A 122 0.01 -16.97 31.22
C VAL A 122 -0.84 -15.99 31.94
N VAL A 123 -2.10 -16.30 32.20
CA VAL A 123 -2.94 -15.49 33.05
C VAL A 123 -3.20 -16.38 34.32
N ASP A 124 -2.57 -16.06 35.44
CA ASP A 124 -2.68 -16.91 36.63
C ASP A 124 -3.35 -16.19 37.78
N THR A 125 -4.00 -15.05 37.47
CA THR A 125 -4.83 -14.32 38.43
C THR A 125 -6.33 -14.46 38.21
N LEU A 126 -6.72 -15.53 37.49
CA LEU A 126 -8.16 -15.87 37.46
C LEU A 126 -8.67 -16.25 38.83
N SER A 127 -9.95 -15.95 39.16
CA SER A 127 -10.53 -16.52 40.38
C SER A 127 -10.50 -18.04 40.30
N PRO A 128 -10.29 -18.71 41.46
CA PRO A 128 -10.34 -20.19 41.54
C PRO A 128 -11.63 -20.74 40.94
N THR A 129 -12.76 -20.02 40.96
CA THR A 129 -14.01 -20.57 40.37
C THR A 129 -14.14 -20.57 38.83
N SER A 130 -13.35 -19.72 38.19
CA SER A 130 -13.37 -19.65 36.76
C SER A 130 -12.75 -20.84 36.09
N TRP A 131 -13.39 -21.22 34.99
CA TRP A 131 -12.83 -22.26 34.06
C TRP A 131 -11.45 -21.90 33.57
N GLN A 132 -10.47 -22.80 33.80
CA GLN A 132 -9.03 -22.48 33.65
C GLN A 132 -8.44 -23.59 32.77
N ALA A 133 -7.66 -23.17 31.77
CA ALA A 133 -7.12 -24.11 30.76
C ALA A 133 -6.07 -24.95 31.44
N SER A 134 -5.92 -26.22 30.99
CA SER A 134 -4.67 -26.96 31.31
C SER A 134 -3.58 -26.88 30.25
N THR A 135 -3.91 -26.48 29.02
CA THR A 135 -2.96 -26.35 27.98
C THR A 135 -3.26 -25.04 27.28
N PHE A 136 -2.30 -24.65 26.43
CA PHE A 136 -2.50 -23.58 25.48
C PHE A 136 -3.10 -24.06 24.19
N PHE A 137 -4.39 -24.30 24.24
CA PHE A 137 -5.08 -24.95 23.17
C PHE A 137 -5.48 -23.95 22.09
N VAL A 138 -5.89 -24.46 20.95
CA VAL A 138 -6.16 -23.57 19.80
C VAL A 138 -7.46 -22.78 20.10
N ARG A 139 -7.33 -21.46 20.29
CA ARG A 139 -8.38 -20.59 20.83
C ARG A 139 -8.50 -19.41 19.85
N ASN A 140 -9.69 -18.81 19.77
CA ASN A 140 -9.89 -17.46 19.22
C ASN A 140 -9.39 -17.26 17.77
N GLY A 141 -9.53 -18.29 16.94
CA GLY A 141 -9.17 -18.21 15.53
C GLY A 141 -7.64 -18.24 15.29
N SER A 142 -6.86 -18.56 16.29
CA SER A 142 -5.44 -18.78 15.98
C SER A 142 -5.19 -20.01 15.03
N ASN A 143 -4.03 -19.91 14.39
CA ASN A 143 -3.54 -20.84 13.39
C ASN A 143 -2.51 -21.76 14.02
N PRO A 144 -2.88 -23.04 14.36
CA PRO A 144 -1.90 -23.92 14.97
C PRO A 144 -0.73 -24.32 14.02
N GLU A 145 -0.85 -24.10 12.72
CA GLU A 145 0.28 -24.34 11.82
C GLU A 145 1.44 -23.31 11.93
N GLN A 146 1.19 -22.14 12.49
CA GLN A 146 2.11 -20.99 12.38
C GLN A 146 3.14 -21.05 13.50
N ASP A 147 4.40 -21.09 13.11
CA ASP A 147 5.47 -20.86 14.07
C ASP A 147 5.49 -19.37 14.42
N PRO A 148 5.33 -19.01 15.69
CA PRO A 148 5.32 -17.60 16.03
C PRO A 148 6.63 -16.87 15.72
N LEU A 149 7.75 -17.61 15.65
CA LEU A 149 9.07 -17.03 15.39
C LEU A 149 9.48 -16.91 13.92
N ARG A 150 8.63 -17.38 13.01
CA ARG A 150 8.86 -17.26 11.56
C ARG A 150 7.60 -16.77 10.85
N ASN A 151 6.97 -15.75 11.44
CA ASN A 151 5.74 -15.20 10.92
C ASN A 151 5.96 -13.82 10.31
N LEU A 152 4.93 -13.35 9.59
CA LEU A 152 4.71 -11.94 9.33
C LEU A 152 3.51 -11.54 10.19
N SER A 153 3.78 -11.36 11.46
CA SER A 153 2.65 -11.17 12.37
C SER A 153 1.79 -9.98 12.00
N GLY A 154 2.40 -8.96 11.40
CA GLY A 154 1.67 -7.72 11.14
C GLY A 154 0.94 -7.81 9.84
N GLN A 155 1.14 -8.86 9.07
CA GLN A 155 0.38 -9.01 7.79
C GLN A 155 -1.08 -9.13 8.07
N ALA A 156 -1.89 -8.43 7.25
CA ALA A 156 -3.33 -8.31 7.41
C ALA A 156 -3.90 -8.10 5.99
N VAL A 157 -5.19 -8.32 5.90
CA VAL A 157 -5.97 -8.17 4.68
C VAL A 157 -7.17 -7.29 4.92
N THR A 158 -7.72 -6.72 3.84
CA THR A 158 -8.85 -5.81 3.87
C THR A 158 -9.89 -6.28 2.86
N ARG A 159 -11.07 -6.62 3.38
CA ARG A 159 -12.13 -7.16 2.52
C ARG A 159 -13.26 -6.15 2.53
N VAL A 160 -13.13 -5.20 1.63
CA VAL A 160 -14.18 -4.19 1.40
C VAL A 160 -14.04 -3.77 -0.07
N VAL A 161 -15.13 -3.30 -0.73
CA VAL A 161 -15.01 -2.81 -2.12
C VAL A 161 -14.01 -1.65 -2.19
N GLY A 162 -13.02 -1.84 -3.06
CA GLY A 162 -11.89 -0.92 -3.17
C GLY A 162 -10.66 -1.38 -2.44
N GLY A 163 -10.76 -2.48 -1.70
CA GLY A 163 -9.62 -3.06 -1.03
C GLY A 163 -8.91 -2.10 -0.13
N MET A 164 -7.59 -2.18 -0.17
CA MET A 164 -6.76 -1.41 0.76
C MET A 164 -6.68 0.02 0.32
N SER A 165 -7.12 0.31 -0.89
CA SER A 165 -7.00 1.67 -1.44
C SER A 165 -8.11 2.56 -0.84
N THR A 166 -8.97 1.95 -0.04
CA THR A 166 -9.95 2.78 0.70
C THR A 166 -9.32 3.38 1.95
N HIS A 167 -8.12 2.93 2.32
CA HIS A 167 -7.43 3.50 3.55
C HIS A 167 -5.96 3.91 3.40
N TRP A 168 -5.38 3.56 2.26
CA TRP A 168 -3.95 3.71 2.04
C TRP A 168 -3.39 5.12 2.04
N THR A 169 -2.08 5.24 2.27
CA THR A 169 -1.38 6.55 2.25
C THR A 169 -1.28 7.31 0.93
N CYS A 170 -1.41 6.58 -0.16
CA CYS A 170 -1.39 7.17 -1.51
C CYS A 170 0.00 7.55 -1.97
N ALA A 171 1.07 7.05 -1.39
CA ALA A 171 2.42 7.24 -1.92
C ALA A 171 2.61 6.32 -3.12
N THR A 172 3.07 6.91 -4.24
CA THR A 172 3.25 6.20 -5.47
C THR A 172 4.56 6.62 -6.17
N PRO A 173 5.69 6.20 -5.62
CA PRO A 173 6.95 6.30 -6.25
C PRO A 173 7.12 5.27 -7.37
N ARG A 174 7.83 5.70 -8.37
CA ARG A 174 8.46 4.71 -9.32
C ARG A 174 9.62 3.95 -8.72
N PHE A 175 9.89 2.74 -9.20
CA PHE A 175 11.07 2.03 -8.82
C PHE A 175 12.15 2.41 -9.82
N ASP A 176 13.32 2.68 -9.30
CA ASP A 176 14.51 2.74 -10.15
C ASP A 176 14.95 1.37 -10.64
N ARG A 177 15.93 1.36 -11.54
CA ARG A 177 16.33 0.08 -12.15
C ARG A 177 16.66 -1.00 -11.12
N GLU A 178 17.36 -0.59 -10.06
CA GLU A 178 17.86 -1.52 -9.06
C GLU A 178 16.71 -2.31 -8.37
N GLN A 179 15.51 -1.75 -8.32
CA GLN A 179 14.40 -2.38 -7.55
C GLN A 179 13.40 -3.08 -8.43
N ARG A 180 13.57 -2.96 -9.74
CA ARG A 180 12.51 -3.17 -10.75
C ARG A 180 12.78 -4.40 -11.60
N PRO A 181 11.73 -5.22 -11.87
CA PRO A 181 11.96 -6.35 -12.79
C PRO A 181 12.12 -5.86 -14.23
N LEU A 182 12.91 -6.59 -15.00
CA LEU A 182 13.05 -6.32 -16.43
C LEU A 182 11.75 -6.65 -17.18
N LEU A 183 11.40 -5.76 -18.10
CA LEU A 183 10.40 -6.04 -19.10
C LEU A 183 11.06 -6.26 -20.46
N VAL A 184 12.22 -5.66 -20.69
CA VAL A 184 13.04 -5.99 -21.88
C VAL A 184 14.42 -6.54 -21.50
N LYS A 185 14.80 -7.70 -22.06
CA LYS A 185 16.16 -8.23 -21.79
C LYS A 185 17.23 -7.58 -22.66
N ASP A 186 18.39 -7.34 -22.10
CA ASP A 186 19.53 -6.98 -22.90
C ASP A 186 19.36 -5.62 -23.62
N ASP A 187 18.53 -4.74 -23.08
CA ASP A 187 18.40 -3.42 -23.66
C ASP A 187 17.79 -2.48 -22.60
N ALA A 188 18.71 -1.93 -21.77
CA ALA A 188 18.38 -1.07 -20.63
C ALA A 188 17.63 0.20 -21.04
N ASP A 189 18.12 0.88 -22.07
CA ASP A 189 17.33 2.05 -22.53
C ASP A 189 15.92 1.63 -23.01
N ALA A 190 15.77 0.51 -23.71
CA ALA A 190 14.46 0.06 -24.10
C ALA A 190 13.60 -0.34 -22.92
N ASP A 191 14.20 -1.00 -21.94
CA ASP A 191 13.49 -1.36 -20.68
C ASP A 191 13.03 -0.10 -19.93
N ASP A 192 13.92 0.86 -19.84
CA ASP A 192 13.63 2.16 -19.22
C ASP A 192 12.44 2.82 -19.89
N ALA A 193 12.49 2.83 -21.22
CA ALA A 193 11.40 3.45 -22.02
C ALA A 193 10.03 2.82 -21.83
N GLU A 194 10.03 1.50 -21.78
CA GLU A 194 8.81 0.81 -21.49
C GLU A 194 8.26 1.09 -20.09
N TRP A 195 9.09 1.07 -19.07
CA TRP A 195 8.59 1.43 -17.78
C TRP A 195 8.09 2.83 -17.72
N ASP A 196 8.74 3.75 -18.41
CA ASP A 196 8.34 5.15 -18.35
C ASP A 196 6.94 5.30 -18.99
N ARG A 197 6.71 4.52 -20.02
CA ARG A 197 5.42 4.56 -20.75
C ARG A 197 4.29 4.09 -19.78
N LEU A 198 4.57 2.99 -19.13
CA LEU A 198 3.61 2.33 -18.30
C LEU A 198 3.42 3.16 -17.04
N TYR A 199 4.53 3.55 -16.37
CA TYR A 199 4.38 4.40 -15.17
C TYR A 199 3.68 5.71 -15.46
N THR A 200 3.92 6.30 -16.64
CA THR A 200 3.22 7.58 -16.95
C THR A 200 1.69 7.39 -16.97
N LYS A 201 1.29 6.27 -17.59
CA LYS A 201 -0.14 5.96 -17.67
C LYS A 201 -0.67 5.70 -16.27
N ALA A 202 0.07 4.92 -15.45
CA ALA A 202 -0.40 4.56 -14.12
C ALA A 202 -0.59 5.79 -13.24
N GLU A 203 0.34 6.73 -13.41
CA GLU A 203 0.28 8.02 -12.69
C GLU A 203 -0.90 8.81 -13.09
N SER A 204 -1.26 8.78 -14.38
CA SER A 204 -2.55 9.42 -14.75
C SER A 204 -3.78 8.71 -14.13
N TYR A 205 -3.82 7.39 -14.07
CA TYR A 205 -4.98 6.71 -13.55
C TYR A 205 -5.16 7.03 -12.08
N PHE A 206 -4.04 7.15 -11.42
CA PHE A 206 -4.04 7.47 -9.96
C PHE A 206 -4.04 8.95 -9.68
N GLN A 207 -3.83 9.81 -10.70
CA GLN A 207 -3.65 11.25 -10.48
C GLN A 207 -2.51 11.51 -9.46
N THR A 208 -1.42 10.80 -9.66
CA THR A 208 -0.16 11.08 -8.96
C THR A 208 0.28 12.50 -9.30
N GLY A 209 0.69 13.22 -8.25
CA GLY A 209 1.33 14.54 -8.37
C GLY A 209 2.39 14.71 -7.27
N THR A 210 3.19 15.76 -7.42
CA THR A 210 4.29 16.05 -6.49
C THR A 210 4.28 17.46 -5.94
N ASP A 211 3.15 18.16 -6.03
CA ASP A 211 3.09 19.54 -5.54
C ASP A 211 1.89 19.85 -4.72
N GLN A 212 1.14 18.84 -4.29
CA GLN A 212 -0.10 19.16 -3.51
C GLN A 212 0.20 19.79 -2.16
N PHE A 213 1.42 19.59 -1.64
CA PHE A 213 1.80 20.15 -0.34
C PHE A 213 2.78 21.33 -0.44
N LYS A 214 2.91 21.96 -1.59
CA LYS A 214 3.92 23.00 -1.80
C LYS A 214 3.67 24.23 -0.95
N GLU A 215 2.45 24.41 -0.44
CA GLU A 215 2.16 25.65 0.25
C GLU A 215 2.18 25.45 1.78
N SER A 216 2.66 24.30 2.24
CA SER A 216 2.84 24.01 3.66
C SER A 216 4.16 24.51 4.20
N ILE A 217 4.07 25.32 5.25
CA ILE A 217 5.25 25.77 5.94
C ILE A 217 6.07 24.61 6.53
N ARG A 218 5.42 23.71 7.26
CA ARG A 218 6.12 22.59 7.83
C ARG A 218 6.83 21.74 6.77
N HIS A 219 6.13 21.46 5.67
CA HIS A 219 6.64 20.66 4.60
C HIS A 219 7.90 21.28 4.07
N ASN A 220 7.85 22.56 3.80
CA ASN A 220 9.01 23.26 3.23
C ASN A 220 10.15 23.39 4.20
N LEU A 221 9.79 23.55 5.47
CA LEU A 221 10.76 23.67 6.58
C LEU A 221 11.64 22.44 6.60
N VAL A 222 10.99 21.29 6.60
CA VAL A 222 11.69 20.04 6.61
C VAL A 222 12.47 19.80 5.31
N LEU A 223 11.78 19.97 4.22
CA LEU A 223 12.34 19.70 2.90
C LEU A 223 13.63 20.52 2.72
N ASN A 224 13.58 21.81 3.05
CA ASN A 224 14.69 22.64 2.80
C ASN A 224 15.87 22.37 3.71
N LYS A 225 15.55 21.96 4.93
CA LYS A 225 16.62 21.69 5.91
C LYS A 225 17.39 20.45 5.43
N LEU A 226 16.65 19.42 5.01
CA LEU A 226 17.30 18.19 4.58
C LEU A 226 18.09 18.44 3.31
N THR A 227 17.52 19.19 2.39
CA THR A 227 18.28 19.52 1.20
C THR A 227 19.60 20.14 1.54
N GLU A 228 19.59 21.12 2.41
CA GLU A 228 20.80 21.82 2.81
C GLU A 228 21.78 20.91 3.55
N GLU A 229 21.31 20.09 4.46
CA GLU A 229 22.25 19.21 5.18
C GLU A 229 22.96 18.12 4.32
N TYR A 230 22.31 17.64 3.24
CA TYR A 230 22.81 16.56 2.37
C TYR A 230 23.17 17.09 1.02
N LYS A 231 23.64 18.35 1.05
CA LYS A 231 23.98 19.08 -0.12
C LYS A 231 24.97 18.34 -0.96
N GLY A 232 24.60 18.01 -2.19
CA GLY A 232 25.52 17.23 -3.07
C GLY A 232 25.70 15.75 -2.71
N GLN A 233 24.88 15.25 -1.79
CA GLN A 233 24.96 13.81 -1.43
C GLN A 233 23.65 13.09 -1.72
N ARG A 234 22.54 13.74 -1.35
CA ARG A 234 21.19 13.19 -1.58
C ARG A 234 20.19 14.25 -2.03
N ASP A 235 19.19 13.81 -2.74
CA ASP A 235 18.11 14.67 -3.19
C ASP A 235 16.81 14.42 -2.42
N PHE A 236 16.14 15.50 -2.05
CA PHE A 236 14.81 15.46 -1.40
C PHE A 236 13.74 16.11 -2.23
N GLN A 237 12.54 15.54 -2.16
CA GLN A 237 11.39 16.04 -2.88
C GLN A 237 10.11 15.65 -2.13
N GLN A 238 8.98 16.14 -2.61
CA GLN A 238 7.69 15.71 -2.09
C GLN A 238 7.52 14.20 -2.42
N ILE A 239 7.02 13.42 -1.50
CA ILE A 239 6.52 12.10 -1.82
C ILE A 239 5.55 12.23 -2.99
N PRO A 240 5.70 11.43 -4.06
CA PRO A 240 4.63 11.39 -5.10
C PRO A 240 3.39 10.82 -4.49
N LEU A 241 2.26 11.51 -4.69
CA LEU A 241 1.05 11.18 -3.95
C LEU A 241 -0.07 11.16 -4.95
N ALA A 242 -0.87 10.12 -4.85
CA ALA A 242 -2.04 9.97 -5.68
C ALA A 242 -3.17 10.74 -5.02
N ALA A 243 -3.38 11.96 -5.50
CA ALA A 243 -4.23 12.89 -4.71
C ALA A 243 -4.39 14.15 -5.49
N THR A 244 -5.52 14.81 -5.27
CA THR A 244 -5.72 16.16 -5.79
C THR A 244 -6.17 17.08 -4.66
N ARG A 245 -5.49 18.21 -4.47
CA ARG A 245 -5.88 19.14 -3.46
C ARG A 245 -7.11 19.88 -3.98
N ARG A 246 -8.10 19.99 -3.11
CA ARG A 246 -9.32 20.68 -3.40
C ARG A 246 -9.35 22.04 -2.72
N SER A 247 -8.69 22.19 -1.56
CA SER A 247 -8.64 23.49 -0.91
C SER A 247 -7.44 23.47 0.01
N PRO A 248 -7.14 24.59 0.70
CA PRO A 248 -6.04 24.61 1.63
C PRO A 248 -6.22 23.65 2.76
N THR A 249 -7.45 23.18 2.98
CA THR A 249 -7.67 22.24 4.06
C THR A 249 -8.33 20.96 3.64
N PHE A 250 -8.36 20.65 2.37
CA PHE A 250 -9.00 19.41 1.97
C PHE A 250 -8.31 18.77 0.77
N VAL A 251 -7.91 17.47 0.94
CA VAL A 251 -7.25 16.74 -0.16
C VAL A 251 -8.14 15.60 -0.58
N GLU A 252 -8.41 15.47 -1.91
CA GLU A 252 -9.17 14.34 -2.42
C GLU A 252 -8.13 13.23 -2.69
N TRP A 253 -8.00 12.33 -1.72
CA TRP A 253 -7.04 11.24 -1.82
C TRP A 253 -7.56 10.26 -2.85
N SER A 254 -6.68 9.79 -3.73
CA SER A 254 -7.07 8.77 -4.71
C SER A 254 -7.25 7.37 -4.12
N SER A 255 -7.92 6.56 -4.94
CA SER A 255 -8.27 5.19 -4.55
C SER A 255 -8.65 4.41 -5.79
N ALA A 256 -9.09 3.15 -5.60
CA ALA A 256 -9.74 2.35 -6.68
C ALA A 256 -10.78 3.14 -7.41
N ASN A 257 -11.62 3.95 -6.70
CA ASN A 257 -12.67 4.72 -7.39
C ASN A 257 -12.07 5.68 -8.47
N THR A 258 -10.91 6.22 -8.18
CA THR A 258 -10.24 7.20 -9.05
C THR A 258 -9.88 6.53 -10.41
N VAL A 259 -9.43 5.30 -10.28
CA VAL A 259 -9.02 4.42 -11.39
C VAL A 259 -10.26 4.03 -12.22
N PHE A 260 -11.30 3.60 -11.54
CA PHE A 260 -12.52 3.22 -12.20
C PHE A 260 -13.65 3.40 -11.19
N ASP A 261 -14.69 4.09 -11.60
CA ASP A 261 -15.69 4.48 -10.59
C ASP A 261 -16.58 3.40 -10.05
N LEU A 262 -16.49 2.23 -10.64
CA LEU A 262 -17.17 1.02 -10.19
C LEU A 262 -18.72 1.02 -10.29
N GLN A 263 -19.28 1.97 -11.03
CA GLN A 263 -20.67 1.95 -11.39
C GLN A 263 -21.04 0.97 -12.43
N ASN A 264 -22.20 0.36 -12.24
CA ASN A 264 -22.61 -0.64 -13.20
C ASN A 264 -22.90 0.10 -14.54
N ARG A 265 -22.53 -0.57 -15.62
CA ARG A 265 -22.74 -0.09 -16.97
C ARG A 265 -23.47 -1.14 -17.79
N PRO A 266 -24.27 -0.72 -18.78
CA PRO A 266 -24.30 0.64 -19.30
C PRO A 266 -24.95 1.58 -18.35
N ASN A 267 -24.59 2.84 -18.45
CA ASN A 267 -25.31 3.88 -17.71
C ASN A 267 -25.36 5.12 -18.60
N THR A 268 -25.88 6.23 -18.09
CA THR A 268 -26.00 7.44 -18.94
C THR A 268 -24.69 8.00 -19.47
N ASP A 269 -23.70 8.06 -18.59
CA ASP A 269 -22.37 8.51 -18.91
C ASP A 269 -21.60 7.55 -19.81
N ALA A 270 -21.94 6.27 -19.75
CA ALA A 270 -21.25 5.24 -20.54
C ALA A 270 -22.25 4.24 -21.09
N PRO A 271 -23.05 4.68 -22.08
CA PRO A 271 -24.16 3.90 -22.57
C PRO A 271 -23.75 2.66 -23.41
N GLU A 272 -22.51 2.58 -23.90
CA GLU A 272 -22.07 1.42 -24.70
C GLU A 272 -21.07 0.55 -23.91
N GLU A 273 -20.97 0.74 -22.60
CA GLU A 273 -20.01 -0.08 -21.80
C GLU A 273 -20.83 -1.06 -20.99
N ARG A 274 -20.18 -2.15 -20.55
CA ARG A 274 -20.82 -3.28 -19.85
C ARG A 274 -19.94 -3.71 -18.68
N PHE A 275 -20.43 -3.43 -17.50
CA PHE A 275 -19.71 -3.74 -16.25
C PHE A 275 -20.72 -4.06 -15.17
N ASN A 276 -20.50 -5.10 -14.40
CA ASN A 276 -21.29 -5.36 -13.19
C ASN A 276 -20.33 -5.72 -12.12
N LEU A 277 -20.52 -5.09 -10.97
CA LEU A 277 -19.80 -5.38 -9.74
C LEU A 277 -20.76 -6.17 -8.81
N PHE A 278 -20.26 -7.29 -8.29
CA PHE A 278 -20.98 -8.17 -7.40
C PHE A 278 -20.23 -8.20 -6.06
N PRO A 279 -20.61 -7.37 -5.11
CA PRO A 279 -19.97 -7.46 -3.78
C PRO A 279 -20.53 -8.67 -2.99
N ALA A 280 -19.81 -9.04 -1.91
CA ALA A 280 -20.25 -10.07 -0.97
C ALA A 280 -20.31 -11.35 -1.70
N VAL A 281 -19.34 -11.55 -2.60
CA VAL A 281 -19.17 -12.82 -3.24
C VAL A 281 -17.75 -13.32 -3.06
N ALA A 282 -17.64 -14.48 -2.41
CA ALA A 282 -16.32 -15.09 -2.21
C ALA A 282 -15.98 -15.95 -3.39
N CYS A 283 -14.85 -15.70 -4.01
CA CYS A 283 -14.41 -16.49 -5.16
C CYS A 283 -13.52 -17.58 -4.57
N GLU A 284 -13.82 -18.83 -4.88
CA GLU A 284 -13.16 -19.94 -4.25
C GLU A 284 -12.18 -20.70 -5.14
N ARG A 285 -12.48 -20.87 -6.40
CA ARG A 285 -11.65 -21.78 -7.22
C ARG A 285 -11.77 -21.43 -8.65
N VAL A 286 -10.66 -21.46 -9.44
CA VAL A 286 -10.77 -21.51 -10.86
C VAL A 286 -10.61 -22.92 -11.36
N VAL A 287 -11.39 -23.28 -12.38
CA VAL A 287 -11.40 -24.65 -12.80
C VAL A 287 -10.49 -24.80 -14.03
N ARG A 288 -9.54 -25.68 -13.90
CA ARG A 288 -8.61 -26.00 -15.02
C ARG A 288 -9.20 -27.05 -15.92
N ASN A 289 -8.98 -26.91 -17.22
CA ASN A 289 -9.23 -28.03 -18.12
C ASN A 289 -8.19 -29.10 -17.92
N ALA A 290 -8.38 -30.23 -18.55
CA ALA A 290 -7.52 -31.40 -18.27
C ALA A 290 -6.14 -31.15 -18.83
N LEU A 291 -6.07 -30.43 -19.95
CA LEU A 291 -4.76 -29.98 -20.51
C LEU A 291 -3.95 -29.02 -19.65
N ASN A 292 -4.56 -28.33 -18.67
CA ASN A 292 -3.90 -27.28 -17.89
C ASN A 292 -3.44 -26.24 -18.90
N SER A 293 -4.31 -25.99 -19.86
CA SER A 293 -4.10 -24.92 -20.86
C SER A 293 -5.16 -23.78 -20.79
N GLU A 294 -6.25 -23.91 -20.05
CA GLU A 294 -7.27 -22.90 -20.04
C GLU A 294 -8.09 -23.01 -18.77
N ILE A 295 -8.56 -21.90 -18.24
CA ILE A 295 -9.56 -21.96 -17.25
C ILE A 295 -10.97 -21.98 -17.83
N GLU A 296 -11.85 -22.78 -17.20
CA GLU A 296 -13.16 -23.08 -17.72
C GLU A 296 -14.26 -22.45 -16.91
N SER A 297 -14.03 -22.14 -15.62
CA SER A 297 -15.04 -21.42 -14.81
C SER A 297 -14.42 -20.92 -13.53
N LEU A 298 -15.15 -20.00 -12.93
CA LEU A 298 -14.84 -19.52 -11.63
C LEU A 298 -15.95 -19.91 -10.68
N HIS A 299 -15.58 -20.62 -9.63
CA HIS A 299 -16.54 -21.04 -8.60
C HIS A 299 -16.68 -19.99 -7.53
N ILE A 300 -17.91 -19.59 -7.21
CA ILE A 300 -18.20 -18.49 -6.27
C ILE A 300 -19.25 -18.86 -5.22
N HIS A 301 -19.16 -18.17 -4.08
CA HIS A 301 -20.07 -18.38 -2.97
C HIS A 301 -20.65 -17.00 -2.71
N ASP A 302 -21.94 -16.85 -2.99
CA ASP A 302 -22.68 -15.64 -2.67
C ASP A 302 -22.99 -15.61 -1.19
N LEU A 303 -22.40 -14.67 -0.47
CA LEU A 303 -22.40 -14.68 0.97
C LEU A 303 -23.72 -14.26 1.56
N ILE A 304 -24.55 -13.57 0.77
CA ILE A 304 -25.86 -13.12 1.31
C ILE A 304 -26.87 -14.27 1.23
N SER A 305 -26.98 -14.91 0.06
CA SER A 305 -27.86 -16.09 -0.10
C SER A 305 -27.31 -17.42 0.43
N GLY A 306 -26.00 -17.56 0.43
CA GLY A 306 -25.34 -18.75 0.89
C GLY A 306 -25.15 -19.71 -0.26
N ASP A 307 -25.66 -19.36 -1.42
CA ASP A 307 -25.64 -20.25 -2.55
C ASP A 307 -24.25 -20.25 -3.20
N ARG A 308 -23.86 -21.41 -3.77
CA ARG A 308 -22.68 -21.48 -4.63
C ARG A 308 -23.05 -21.62 -6.10
N PHE A 309 -22.31 -20.88 -6.95
CA PHE A 309 -22.51 -20.82 -8.40
C PHE A 309 -21.21 -21.00 -9.15
N GLU A 310 -21.30 -21.10 -10.46
CA GLU A 310 -20.14 -20.91 -11.25
C GLU A 310 -20.37 -19.88 -12.31
N ILE A 311 -19.27 -19.27 -12.70
CA ILE A 311 -19.33 -18.18 -13.66
C ILE A 311 -18.39 -18.49 -14.78
N LYS A 312 -18.87 -18.31 -16.00
CA LYS A 312 -18.10 -18.62 -17.22
C LYS A 312 -17.63 -17.30 -17.82
N ALA A 313 -16.39 -17.25 -18.26
CA ALA A 313 -15.84 -16.04 -18.95
C ALA A 313 -14.79 -16.53 -19.94
N ASP A 314 -14.46 -15.69 -20.89
CA ASP A 314 -13.37 -15.96 -21.85
C ASP A 314 -12.04 -15.75 -21.15
N VAL A 315 -12.00 -14.73 -20.29
CA VAL A 315 -10.76 -14.27 -19.63
C VAL A 315 -10.96 -14.18 -18.12
N TYR A 316 -10.05 -14.73 -17.34
CA TYR A 316 -10.12 -14.67 -15.91
C TYR A 316 -8.92 -13.90 -15.37
N VAL A 317 -9.21 -12.93 -14.51
CA VAL A 317 -8.21 -12.06 -13.89
C VAL A 317 -8.35 -12.13 -12.38
N LEU A 318 -7.29 -12.51 -11.68
CA LEU A 318 -7.25 -12.59 -10.23
C LEU A 318 -6.43 -11.42 -9.66
N THR A 319 -7.16 -10.52 -8.99
CA THR A 319 -6.58 -9.32 -8.31
C THR A 319 -7.13 -9.24 -6.90
N ALA A 320 -6.95 -10.34 -6.16
CA ALA A 320 -7.47 -10.53 -4.81
C ALA A 320 -6.49 -10.15 -3.73
N GLY A 321 -5.32 -9.62 -4.16
CA GLY A 321 -4.27 -9.34 -3.18
C GLY A 321 -3.17 -10.36 -3.17
N ALA A 322 -1.99 -9.94 -2.67
CA ALA A 322 -0.84 -10.85 -2.70
C ALA A 322 -1.11 -12.13 -1.91
N VAL A 323 -1.84 -12.07 -0.81
CA VAL A 323 -2.16 -13.31 -0.06
C VAL A 323 -3.28 -14.09 -0.75
N HIS A 324 -4.38 -13.41 -1.08
CA HIS A 324 -5.58 -14.17 -1.46
C HIS A 324 -5.57 -14.65 -2.90
N ASN A 325 -4.78 -13.99 -3.76
CA ASN A 325 -4.53 -14.59 -5.07
C ASN A 325 -3.91 -15.95 -4.85
N THR A 326 -2.93 -16.05 -3.94
CA THR A 326 -2.16 -17.27 -3.85
C THR A 326 -3.09 -18.35 -3.27
N GLN A 327 -3.97 -17.88 -2.30
CA GLN A 327 -4.96 -18.80 -1.68
C GLN A 327 -5.87 -19.40 -2.76
N LEU A 328 -6.44 -18.57 -3.58
CA LEU A 328 -7.36 -19.05 -4.59
C LEU A 328 -6.69 -20.02 -5.56
N LEU A 329 -5.49 -19.67 -5.95
CA LEU A 329 -4.71 -20.55 -6.83
C LEU A 329 -4.45 -21.95 -6.18
N VAL A 330 -3.97 -21.98 -4.93
CA VAL A 330 -3.70 -23.20 -4.22
C VAL A 330 -4.95 -23.98 -4.04
N ASN A 331 -6.06 -23.32 -3.80
CA ASN A 331 -7.34 -24.04 -3.67
C ASN A 331 -7.81 -24.60 -5.07
N SER A 332 -7.13 -24.25 -6.16
CA SER A 332 -7.53 -24.58 -7.49
C SER A 332 -6.57 -25.60 -8.07
N GLY A 333 -5.58 -26.06 -7.29
CA GLY A 333 -4.65 -27.08 -7.78
C GLY A 333 -3.35 -26.60 -8.33
N PHE A 334 -3.03 -25.29 -8.11
CA PHE A 334 -1.75 -24.75 -8.47
C PHE A 334 -0.88 -24.82 -7.24
N GLY A 335 0.43 -24.92 -7.44
CA GLY A 335 1.33 -25.03 -6.34
C GLY A 335 1.07 -26.25 -5.52
N GLN A 336 1.33 -26.12 -4.21
CA GLN A 336 1.18 -27.25 -3.31
C GLN A 336 0.27 -26.85 -2.14
N LEU A 337 -0.80 -27.56 -1.87
CA LEU A 337 -1.54 -27.39 -0.60
C LEU A 337 -0.82 -28.09 0.58
N GLY A 338 -0.84 -27.42 1.73
CA GLY A 338 -0.34 -27.95 2.96
C GLY A 338 1.07 -27.60 3.22
N ARG A 339 1.55 -28.11 4.34
CA ARG A 339 2.90 -27.86 4.80
C ARG A 339 3.85 -28.27 3.68
N PRO A 340 4.77 -27.40 3.29
CA PRO A 340 5.66 -27.75 2.19
C PRO A 340 6.35 -29.13 2.33
N ASN A 341 6.47 -29.80 1.22
CA ASN A 341 6.97 -31.15 1.16
C ASN A 341 7.81 -31.22 -0.09
N PRO A 342 9.11 -30.93 0.05
CA PRO A 342 9.94 -30.94 -1.16
C PRO A 342 10.01 -32.31 -1.89
N ALA A 343 9.60 -33.39 -1.23
CA ALA A 343 9.67 -34.74 -1.83
C ALA A 343 8.38 -35.10 -2.57
N ASN A 344 7.50 -34.12 -2.76
CA ASN A 344 6.24 -34.35 -3.41
C ASN A 344 6.00 -33.13 -4.29
N PRO A 345 6.62 -33.11 -5.46
CA PRO A 345 6.81 -31.81 -6.13
C PRO A 345 5.47 -31.32 -6.72
N PRO A 346 5.20 -30.02 -6.65
CA PRO A 346 3.88 -29.66 -7.20
C PRO A 346 3.81 -29.90 -8.74
N GLU A 347 2.61 -30.05 -9.31
CA GLU A 347 2.40 -30.37 -10.74
C GLU A 347 2.49 -29.08 -11.57
N LEU A 348 1.97 -28.01 -10.98
CA LEU A 348 1.89 -26.75 -11.64
C LEU A 348 2.41 -25.66 -10.74
N LEU A 349 3.05 -24.67 -11.39
CA LEU A 349 3.55 -23.44 -10.76
C LEU A 349 4.32 -23.72 -9.44
N PRO A 350 5.41 -24.49 -9.55
CA PRO A 350 6.07 -24.83 -8.31
C PRO A 350 6.68 -23.67 -7.52
N SER A 351 6.89 -22.50 -8.14
CA SER A 351 7.37 -21.31 -7.43
C SER A 351 6.27 -20.53 -6.72
N LEU A 352 5.05 -20.96 -6.83
CA LEU A 352 3.92 -20.18 -6.24
C LEU A 352 4.07 -20.21 -4.79
N GLY A 353 3.92 -19.07 -4.14
CA GLY A 353 4.10 -19.01 -2.67
C GLY A 353 5.50 -19.03 -2.10
N SER A 354 6.53 -19.10 -2.98
CA SER A 354 7.90 -19.10 -2.53
C SER A 354 8.50 -17.81 -3.06
N TYR A 355 9.69 -17.52 -2.53
CA TYR A 355 10.40 -16.28 -2.83
C TYR A 355 9.57 -15.09 -2.41
N ILE A 356 8.72 -15.19 -1.37
CA ILE A 356 7.98 -14.07 -0.93
C ILE A 356 8.91 -13.01 -0.33
N THR A 357 8.55 -11.74 -0.49
CA THR A 357 9.31 -10.67 0.10
C THR A 357 8.38 -9.84 0.89
N GLU A 358 8.88 -9.34 2.02
CA GLU A 358 8.20 -8.26 2.72
C GLU A 358 9.31 -7.37 3.24
N GLN A 359 9.00 -6.09 3.27
CA GLN A 359 9.99 -5.04 3.59
C GLN A 359 10.17 -4.90 5.08
N SER A 360 11.40 -4.64 5.50
CA SER A 360 11.60 -4.20 6.86
C SER A 360 11.14 -2.74 6.97
N LEU A 361 10.56 -2.37 8.09
CA LEU A 361 10.10 -1.01 8.31
C LEU A 361 10.59 -0.49 9.63
N VAL A 362 11.28 0.66 9.63
CA VAL A 362 11.67 1.33 10.86
C VAL A 362 10.90 2.64 10.94
N PHE A 363 10.67 3.07 12.17
CA PHE A 363 9.77 4.18 12.48
C PHE A 363 10.24 4.93 13.71
N CYS A 364 10.08 6.25 13.65
CA CYS A 364 10.11 7.10 14.85
C CYS A 364 9.34 8.40 14.58
N GLN A 365 9.14 9.21 15.61
CA GLN A 365 8.73 10.61 15.40
C GLN A 365 9.67 11.50 16.08
N THR A 366 9.73 12.74 15.58
CA THR A 366 10.51 13.77 16.22
C THR A 366 9.72 14.98 16.61
N VAL A 367 10.35 15.73 17.49
CA VAL A 367 9.88 17.08 17.89
C VAL A 367 10.76 18.15 17.32
N MET A 368 10.16 19.02 16.48
CA MET A 368 10.89 20.01 15.70
C MET A 368 11.90 20.79 16.54
N SER A 369 13.12 20.99 16.03
CA SER A 369 14.13 21.71 16.78
C SER A 369 13.75 23.19 16.99
N THR A 370 14.25 23.68 18.10
CA THR A 370 14.13 25.16 18.40
C THR A 370 14.73 25.99 17.22
N GLU A 371 15.87 25.57 16.64
CA GLU A 371 16.51 26.34 15.55
C GLU A 371 15.55 26.45 14.36
N LEU A 372 14.91 25.34 14.04
CA LEU A 372 13.98 25.25 12.90
C LEU A 372 12.75 26.12 13.14
N ILE A 373 12.18 26.04 14.31
CA ILE A 373 11.02 26.83 14.64
C ILE A 373 11.36 28.34 14.55
N ASP A 374 12.48 28.74 15.15
CA ASP A 374 12.89 30.15 15.13
C ASP A 374 13.13 30.58 13.69
N SER A 375 13.58 29.67 12.83
CA SER A 375 13.80 30.01 11.41
C SER A 375 12.53 30.38 10.69
N VAL A 376 11.39 29.82 11.08
CA VAL A 376 10.12 30.10 10.41
C VAL A 376 9.80 31.61 10.42
N LYS A 377 10.22 32.27 11.49
CA LYS A 377 9.87 33.65 11.72
C LYS A 377 11.13 34.60 11.61
N SER A 378 12.17 34.22 10.84
CA SER A 378 13.46 34.92 10.80
C SER A 378 13.32 36.25 10.06
N ASP A 379 12.33 36.41 9.18
CA ASP A 379 12.04 37.66 8.46
C ASP A 379 11.18 38.67 9.31
N MET A 380 10.62 38.26 10.43
CA MET A 380 9.71 39.14 11.24
C MET A 380 10.46 40.08 12.12
N THR A 381 9.99 41.33 12.18
CA THR A 381 10.36 42.31 13.16
C THR A 381 9.28 42.32 14.23
N ILE A 382 9.66 42.05 15.47
CA ILE A 382 8.69 41.98 16.56
C ILE A 382 8.96 43.16 17.46
N ARG A 383 7.89 43.87 17.80
CA ARG A 383 7.96 45.00 18.73
C ARG A 383 6.88 44.77 19.76
N GLY A 384 7.22 45.01 21.01
CA GLY A 384 6.25 44.96 22.09
C GLY A 384 6.13 43.54 22.60
N THR A 385 5.09 43.30 23.38
CA THR A 385 4.87 42.04 24.12
C THR A 385 3.56 41.48 23.64
N PRO A 386 3.54 40.19 23.26
CA PRO A 386 2.29 39.57 22.84
C PRO A 386 1.23 39.88 23.85
N GLY A 387 -0.01 40.04 23.39
CA GLY A 387 -1.11 40.32 24.32
C GLY A 387 -1.38 41.81 24.59
N GLU A 388 -0.43 42.66 24.22
CA GLU A 388 -0.56 44.08 24.44
C GLU A 388 -1.08 44.77 23.18
N LEU A 389 -1.60 45.97 23.40
CA LEU A 389 -2.08 46.86 22.34
C LEU A 389 -0.98 47.36 21.40
N THR A 390 0.25 47.51 21.89
CA THR A 390 1.40 47.95 21.09
C THR A 390 2.06 46.81 20.32
N TYR A 391 1.63 45.55 20.52
CA TYR A 391 2.38 44.45 19.92
C TYR A 391 2.32 44.46 18.42
N SER A 392 3.48 44.28 17.82
CA SER A 392 3.59 44.37 16.36
C SER A 392 4.56 43.35 15.79
N VAL A 393 4.06 42.56 14.85
CA VAL A 393 4.88 41.67 14.02
C VAL A 393 4.78 42.10 12.59
N THR A 394 5.92 42.50 11.99
CA THR A 394 5.95 43.06 10.64
C THR A 394 7.02 42.39 9.78
N TYR A 395 6.88 42.49 8.44
CA TYR A 395 7.93 42.08 7.43
C TYR A 395 7.79 43.00 6.22
N THR A 396 8.85 43.09 5.39
CA THR A 396 8.75 43.80 4.10
C THR A 396 8.50 42.90 2.85
N PRO A 397 7.35 43.04 2.19
CA PRO A 397 6.99 42.19 1.06
C PRO A 397 7.88 42.33 -0.18
N GLY A 398 9.05 41.72 -0.19
CA GLY A 398 9.97 41.88 -1.33
C GLY A 398 11.39 42.17 -0.91
N ALA A 399 11.57 42.59 0.35
CA ALA A 399 12.89 42.88 0.93
C ALA A 399 13.92 41.84 0.56
N SER A 400 14.97 42.31 -0.12
CA SER A 400 15.96 41.41 -0.74
C SER A 400 16.51 40.44 0.29
N THR A 401 16.76 40.94 1.50
CA THR A 401 17.29 40.08 2.55
C THR A 401 16.28 39.10 3.19
N ASN A 402 15.05 38.96 2.68
CA ASN A 402 14.02 38.02 3.27
C ASN A 402 14.41 36.59 2.90
N LYS A 403 14.42 35.67 3.86
CA LYS A 403 14.75 34.24 3.59
C LYS A 403 13.58 33.48 2.97
N HIS A 404 12.35 33.98 3.14
CA HIS A 404 11.14 33.27 2.69
C HIS A 404 10.32 34.07 1.71
N PRO A 405 9.43 33.40 0.93
CA PRO A 405 8.53 34.10 0.04
C PRO A 405 7.50 34.90 0.86
N ASP A 406 6.98 35.95 0.24
CA ASP A 406 5.92 36.77 0.87
C ASP A 406 4.74 35.97 1.38
N TRP A 407 4.30 34.94 0.63
CA TRP A 407 3.15 34.08 1.03
C TRP A 407 3.40 33.45 2.36
N TRP A 408 4.60 32.95 2.56
CA TRP A 408 5.00 32.41 3.85
C TRP A 408 5.05 33.43 4.96
N ASN A 409 5.71 34.54 4.73
CA ASN A 409 5.72 35.62 5.76
C ASN A 409 4.35 36.23 6.08
N GLU A 410 3.46 36.33 5.11
CA GLU A 410 2.06 36.69 5.38
C GLU A 410 1.31 35.74 6.31
N LYS A 411 1.47 34.45 6.12
CA LYS A 411 0.86 33.43 6.91
C LYS A 411 1.39 33.55 8.32
N VAL A 412 2.72 33.77 8.43
CA VAL A 412 3.36 33.77 9.75
C VAL A 412 2.95 35.02 10.52
N LYS A 413 3.04 36.18 9.86
CA LYS A 413 2.61 37.47 10.47
C LYS A 413 1.18 37.35 10.94
N ASN A 414 0.29 36.85 10.10
CA ASN A 414 -1.11 36.78 10.49
C ASN A 414 -1.35 35.84 11.70
N HIS A 415 -0.69 34.69 11.74
CA HIS A 415 -0.88 33.77 12.81
C HIS A 415 -0.40 34.46 14.10
N MET A 416 0.77 35.04 14.05
CA MET A 416 1.35 35.68 15.21
C MET A 416 0.60 36.87 15.77
N MET A 417 -0.10 37.62 14.92
CA MET A 417 -0.89 38.74 15.38
C MET A 417 -2.28 38.35 15.75
N GLN A 418 -2.84 37.33 15.09
CA GLN A 418 -4.19 36.93 15.38
C GLN A 418 -4.27 35.94 16.54
N HIS A 419 -3.18 35.27 16.89
CA HIS A 419 -3.13 34.33 17.98
C HIS A 419 -1.97 34.63 18.85
N GLN A 420 -2.01 35.76 19.55
CA GLN A 420 -0.89 36.21 20.35
C GLN A 420 -0.73 35.40 21.65
N GLU A 421 -1.67 34.50 21.96
CA GLU A 421 -1.52 33.53 23.05
C GLU A 421 -0.75 32.24 22.62
N ASP A 422 -0.48 32.08 21.34
CA ASP A 422 0.13 30.88 20.83
C ASP A 422 1.60 31.15 20.70
N PRO A 423 2.45 30.23 21.17
CA PRO A 423 3.87 30.48 21.18
C PRO A 423 4.61 30.11 19.92
N LEU A 424 3.91 29.52 18.95
CA LEU A 424 4.51 29.04 17.73
C LEU A 424 4.17 29.93 16.57
N PRO A 425 5.06 30.01 15.56
CA PRO A 425 4.85 30.82 14.37
C PRO A 425 4.17 30.10 13.22
N ILE A 426 3.91 28.82 13.40
CA ILE A 426 3.25 28.00 12.37
C ILE A 426 1.73 28.10 12.46
N PRO A 427 1.03 28.45 11.33
CA PRO A 427 -0.42 28.52 11.38
C PRO A 427 -1.09 27.24 11.79
N PHE A 428 -2.23 27.33 12.47
CA PHE A 428 -2.89 26.14 12.90
C PHE A 428 -3.24 25.13 11.85
N GLU A 429 -3.67 25.56 10.69
CA GLU A 429 -4.13 24.57 9.69
C GLU A 429 -3.07 24.24 8.67
N ASP A 430 -1.82 24.43 9.05
CA ASP A 430 -0.71 24.25 8.12
C ASP A 430 -0.68 22.77 7.81
N PRO A 431 -0.59 22.39 6.53
CA PRO A 431 -0.53 20.95 6.25
C PRO A 431 0.78 20.30 6.66
N GLU A 432 0.73 18.97 6.77
CA GLU A 432 1.83 18.19 7.23
C GLU A 432 2.93 18.07 6.17
N PRO A 433 4.19 17.89 6.55
CA PRO A 433 5.17 17.57 5.55
C PRO A 433 4.82 16.23 4.81
N GLN A 434 5.34 16.12 3.61
CA GLN A 434 5.23 14.92 2.77
C GLN A 434 6.56 14.82 2.01
N VAL A 435 7.62 14.40 2.71
CA VAL A 435 8.98 14.50 2.19
C VAL A 435 9.57 13.10 2.02
N THR A 436 10.34 12.94 0.96
CA THR A 436 11.15 11.77 0.71
C THR A 436 12.53 12.09 0.17
N THR A 437 13.46 11.19 0.47
CA THR A 437 14.60 10.96 -0.47
C THR A 437 14.44 9.57 -0.97
N LEU A 438 14.31 9.44 -2.31
CA LEU A 438 13.97 8.14 -2.88
C LEU A 438 15.20 7.22 -2.80
N PHE A 439 14.95 5.91 -2.76
CA PHE A 439 15.94 4.86 -2.80
C PHE A 439 17.07 5.11 -3.84
N GLN A 440 18.31 5.03 -3.36
CA GLN A 440 19.47 5.01 -4.26
C GLN A 440 20.44 3.95 -3.80
N PRO A 441 21.37 3.53 -4.70
CA PRO A 441 22.35 2.55 -4.31
C PRO A 441 23.01 2.88 -2.94
N SER A 442 23.34 4.14 -2.69
CA SER A 442 24.04 4.60 -1.44
C SER A 442 23.16 4.69 -0.19
N HIS A 443 21.86 4.67 -0.39
CA HIS A 443 20.87 4.60 0.66
C HIS A 443 19.71 3.77 0.16
N PRO A 444 19.88 2.43 0.17
CA PRO A 444 18.92 1.51 -0.48
C PRO A 444 17.70 1.21 0.36
N TRP A 445 16.95 2.29 0.62
CA TRP A 445 15.67 2.26 1.30
C TRP A 445 14.79 3.40 0.78
N HIS A 446 13.48 3.25 0.81
CA HIS A 446 12.61 4.32 0.60
C HIS A 446 12.33 5.00 1.92
N THR A 447 11.96 6.28 1.84
CA THR A 447 11.69 7.05 3.04
C THR A 447 10.40 7.91 2.86
N GLN A 448 9.71 8.12 3.98
CA GLN A 448 8.51 8.96 3.98
C GLN A 448 8.54 9.73 5.32
N ILE A 449 8.63 11.03 5.20
CA ILE A 449 8.86 11.91 6.32
C ILE A 449 7.73 12.91 6.38
N GLY A 450 6.94 12.85 7.46
CA GLY A 450 5.83 13.75 7.59
C GLY A 450 4.85 13.35 8.65
N ARG A 451 3.59 13.10 8.29
CA ARG A 451 2.63 12.62 9.28
C ARG A 451 1.57 11.67 8.76
N ASP A 452 1.77 10.41 8.93
CA ASP A 452 0.98 9.39 8.28
C ASP A 452 -0.23 9.23 9.14
N ALA A 453 -1.38 9.04 8.53
CA ALA A 453 -2.59 8.76 9.35
C ALA A 453 -2.46 7.50 10.25
N PHE A 454 -1.69 6.48 9.81
CA PHE A 454 -1.58 5.15 10.47
C PHE A 454 -0.52 5.22 11.54
N SER A 455 -0.94 5.80 12.63
CA SER A 455 -0.18 5.92 13.82
C SER A 455 -0.13 4.52 14.51
N TYR A 456 0.89 4.33 15.33
CA TYR A 456 1.18 3.02 15.92
C TYR A 456 1.10 3.00 17.45
N GLY A 457 0.68 4.10 18.04
CA GLY A 457 0.43 4.13 19.47
C GLY A 457 -0.64 5.13 19.79
N ALA A 458 -1.13 5.09 21.02
CA ALA A 458 -2.07 6.11 21.48
C ALA A 458 -1.41 7.41 21.08
N VAL A 459 -2.09 8.31 20.37
CA VAL A 459 -1.45 9.58 20.03
C VAL A 459 -1.35 10.56 21.20
N GLN A 460 -0.19 11.18 21.23
CA GLN A 460 0.28 12.25 22.10
C GLN A 460 -0.64 13.42 22.09
N GLN A 461 -0.95 13.89 23.24
CA GLN A 461 -1.63 15.12 23.22
C GLN A 461 -0.83 16.19 23.79
N SER A 462 0.24 15.80 24.45
CA SER A 462 0.99 16.71 25.19
C SER A 462 1.79 17.66 24.35
N ILE A 463 2.39 17.15 23.32
CA ILE A 463 3.27 18.00 22.49
C ILE A 463 2.48 18.55 21.29
N ASP A 464 2.71 19.84 21.00
CA ASP A 464 1.95 20.43 19.88
C ASP A 464 2.14 19.67 18.58
N SER A 465 1.01 19.34 17.91
CA SER A 465 1.03 18.53 16.69
C SER A 465 1.87 19.17 15.60
N ARG A 466 1.95 20.48 15.56
CA ARG A 466 2.77 21.19 14.55
C ARG A 466 4.26 20.88 14.64
N LEU A 467 4.71 20.51 15.81
CA LEU A 467 6.10 20.16 16.01
C LEU A 467 6.45 18.74 15.60
N ILE A 468 5.47 17.89 15.39
CA ILE A 468 5.74 16.46 15.20
C ILE A 468 5.96 16.09 13.79
N VAL A 469 7.05 15.36 13.54
CA VAL A 469 7.29 14.78 12.19
C VAL A 469 7.56 13.28 12.36
N ASP A 470 6.93 12.51 11.51
CA ASP A 470 7.10 11.02 11.50
C ASP A 470 8.18 10.67 10.48
N TRP A 471 8.85 9.51 10.66
CA TRP A 471 9.93 9.01 9.83
C TRP A 471 9.65 7.54 9.65
N ARG A 472 9.48 7.10 8.42
CA ARG A 472 9.34 5.71 8.03
C ARG A 472 10.36 5.42 6.98
N PHE A 473 11.21 4.39 7.19
CA PHE A 473 12.22 3.99 6.22
C PHE A 473 11.91 2.52 5.92
N PHE A 474 11.91 2.19 4.65
CA PHE A 474 11.43 0.92 4.11
C PHE A 474 12.55 0.24 3.39
N GLY A 475 12.86 -1.00 3.87
CA GLY A 475 14.03 -1.73 3.31
C GLY A 475 13.63 -2.68 2.21
N ARG A 476 14.56 -3.10 1.40
CA ARG A 476 14.24 -4.11 0.35
C ARG A 476 14.66 -5.49 0.87
N THR A 477 13.91 -6.49 0.47
CA THR A 477 14.17 -7.87 0.91
C THR A 477 14.47 -8.81 -0.24
N GLU A 478 15.68 -9.36 -0.24
CA GLU A 478 16.09 -10.42 -1.17
C GLU A 478 15.01 -11.54 -1.26
N PRO A 479 14.64 -11.98 -2.47
CA PRO A 479 13.78 -13.14 -2.60
C PRO A 479 14.55 -14.37 -2.38
N LYS A 480 13.99 -15.24 -1.56
CA LYS A 480 14.59 -16.49 -1.23
C LYS A 480 13.55 -17.57 -1.28
N GLU A 481 13.90 -18.68 -1.89
CA GLU A 481 13.00 -19.80 -2.06
C GLU A 481 12.39 -20.27 -0.76
N GLU A 482 13.17 -20.26 0.32
CA GLU A 482 12.73 -20.80 1.59
C GLU A 482 11.70 -19.93 2.30
N ASN A 483 11.60 -18.68 1.90
CA ASN A 483 10.55 -17.77 2.46
C ASN A 483 9.26 -17.99 1.71
N LYS A 484 8.25 -18.47 2.45
CA LYS A 484 7.04 -19.03 1.94
C LYS A 484 5.78 -18.49 2.52
N LEU A 485 4.75 -18.41 1.69
CA LEU A 485 3.34 -18.35 2.14
C LEU A 485 2.74 -19.65 1.71
N TRP A 486 2.10 -20.43 2.63
CA TRP A 486 1.51 -21.73 2.29
C TRP A 486 0.18 -21.83 2.95
N PHE A 487 -0.63 -22.81 2.58
CA PHE A 487 -2.00 -22.89 3.08
C PHE A 487 -2.24 -24.28 3.61
N SER A 488 -2.86 -24.30 4.78
CA SER A 488 -3.07 -25.50 5.51
C SER A 488 -4.02 -26.39 4.72
N ASP A 489 -3.79 -27.71 4.82
CA ASP A 489 -4.72 -28.69 4.33
C ASP A 489 -5.78 -29.10 5.32
N LYS A 490 -5.70 -28.59 6.54
CA LYS A 490 -6.70 -28.93 7.58
C LYS A 490 -7.40 -27.70 8.18
N ILE A 491 -6.59 -26.70 8.50
CA ILE A 491 -7.08 -25.51 9.15
C ILE A 491 -7.72 -24.60 8.04
N THR A 492 -8.84 -23.98 8.38
CA THR A 492 -9.49 -23.04 7.45
C THR A 492 -9.69 -21.71 8.13
N ASP A 493 -9.75 -20.65 7.32
CA ASP A 493 -10.04 -19.34 7.74
C ASP A 493 -11.57 -19.04 7.85
N ALA A 494 -11.87 -17.79 8.10
CA ALA A 494 -13.22 -17.28 8.34
C ALA A 494 -14.17 -17.48 7.17
N TYR A 495 -13.61 -17.73 6.02
CA TYR A 495 -14.43 -18.00 4.80
C TYR A 495 -14.28 -19.40 4.31
N ASN A 496 -13.88 -20.28 5.23
CA ASN A 496 -13.83 -21.68 4.96
C ASN A 496 -12.86 -22.05 3.88
N MET A 497 -11.81 -21.22 3.72
CA MET A 497 -10.72 -21.48 2.74
C MET A 497 -9.46 -21.90 3.46
N PRO A 498 -8.54 -22.58 2.76
CA PRO A 498 -7.30 -23.03 3.43
C PRO A 498 -6.57 -21.90 4.12
N GLN A 499 -6.24 -22.14 5.40
CA GLN A 499 -5.69 -21.12 6.25
C GLN A 499 -4.27 -20.69 5.81
N PRO A 500 -4.05 -19.37 5.65
CA PRO A 500 -2.69 -18.98 5.31
C PRO A 500 -1.67 -19.08 6.44
N THR A 501 -0.43 -19.50 6.09
CA THR A 501 0.62 -19.74 7.11
C THR A 501 1.89 -19.17 6.51
N PHE A 502 2.66 -18.45 7.31
CA PHE A 502 3.93 -17.91 6.82
C PHE A 502 5.11 -18.69 7.35
N ASP A 503 6.14 -18.85 6.49
CA ASP A 503 7.40 -19.26 6.96
C ASP A 503 8.43 -18.33 6.45
N PHE A 504 8.77 -17.32 7.26
CA PHE A 504 9.54 -16.13 6.81
C PHE A 504 10.56 -15.74 7.86
N ARG A 505 11.77 -15.42 7.39
CA ARG A 505 12.72 -14.66 8.19
C ARG A 505 13.40 -13.67 7.28
N PHE A 506 13.73 -12.47 7.80
CA PHE A 506 14.53 -11.58 6.91
C PHE A 506 15.84 -12.33 6.53
N PRO A 507 16.18 -12.41 5.23
CA PRO A 507 17.46 -13.06 4.87
C PRO A 507 18.67 -12.47 5.53
N ALA A 508 19.57 -13.36 5.88
CA ALA A 508 20.89 -13.00 6.29
C ALA A 508 21.56 -12.43 5.06
N GLY A 509 22.62 -11.73 5.31
CA GLY A 509 23.33 -11.10 4.30
C GLY A 509 22.76 -9.72 4.07
N ARG A 510 22.72 -9.34 2.80
CA ARG A 510 22.52 -7.97 2.47
C ARG A 510 21.21 -7.48 3.11
N THR A 511 20.12 -8.25 3.07
CA THR A 511 18.84 -7.80 3.62
C THR A 511 18.96 -7.33 5.03
N SER A 512 19.68 -8.14 5.83
CA SER A 512 19.80 -7.81 7.25
C SER A 512 20.80 -6.68 7.47
N LYS A 513 21.93 -6.71 6.81
CA LYS A 513 22.89 -5.60 6.92
C LYS A 513 22.21 -4.30 6.54
N GLU A 514 21.49 -4.28 5.40
CA GLU A 514 20.80 -3.07 5.00
C GLU A 514 19.74 -2.59 6.01
N ALA A 515 19.00 -3.50 6.59
CA ALA A 515 17.93 -3.12 7.51
C ALA A 515 18.52 -2.37 8.70
N GLU A 516 19.63 -2.86 9.20
CA GLU A 516 20.21 -2.23 10.35
C GLU A 516 20.91 -0.95 9.89
N ASP A 517 21.57 -0.91 8.75
CA ASP A 517 22.07 0.41 8.26
C ASP A 517 20.96 1.43 8.04
N MET A 518 19.76 0.96 7.69
CA MET A 518 18.62 1.77 7.48
C MET A 518 18.11 2.38 8.77
N MET A 519 18.02 1.57 9.84
CA MET A 519 17.72 2.12 11.14
C MET A 519 18.72 3.24 11.51
N THR A 520 20.00 2.96 11.34
CA THR A 520 21.03 3.98 11.69
C THR A 520 20.82 5.23 10.89
N ASP A 521 20.55 5.08 9.59
CA ASP A 521 20.29 6.21 8.72
C ASP A 521 19.12 7.08 9.20
N MET A 522 18.04 6.46 9.65
CA MET A 522 16.89 7.22 10.20
C MET A 522 17.27 7.95 11.45
N CYS A 523 18.08 7.32 12.29
CA CYS A 523 18.58 8.02 13.49
C CYS A 523 19.39 9.24 13.07
N VAL A 524 20.28 9.11 12.11
CA VAL A 524 21.15 10.16 11.72
C VAL A 524 20.36 11.25 11.06
N MET A 525 19.51 10.91 10.11
CA MET A 525 18.79 11.94 9.37
C MET A 525 17.75 12.69 10.22
N SER A 526 17.04 11.96 11.08
CA SER A 526 15.91 12.54 11.84
C SER A 526 16.43 13.56 12.84
N ALA A 527 17.66 13.36 13.33
CA ALA A 527 18.34 14.22 14.22
C ALA A 527 18.61 15.60 13.61
N LYS A 528 18.64 15.71 12.28
CA LYS A 528 18.84 17.00 11.68
C LYS A 528 17.61 17.89 11.86
N ILE A 529 16.46 17.27 12.10
CA ILE A 529 15.21 18.02 12.26
C ILE A 529 14.79 18.22 13.70
N GLY A 530 14.99 17.23 14.57
CA GLY A 530 14.73 17.44 16.00
C GLY A 530 14.96 16.12 16.73
N GLY A 531 14.91 16.14 18.05
CA GLY A 531 14.97 14.89 18.84
C GLY A 531 13.78 13.99 18.71
N PHE A 532 13.97 12.69 19.03
CA PHE A 532 12.85 11.78 19.13
C PHE A 532 11.73 12.28 20.12
N LEU A 533 10.50 11.98 19.76
CA LEU A 533 9.33 12.06 20.55
C LEU A 533 9.21 10.90 21.48
N PRO A 534 9.31 11.15 22.80
CA PRO A 534 9.10 10.08 23.78
C PRO A 534 7.85 9.31 23.45
N GLY A 535 7.96 7.98 23.49
CA GLY A 535 6.84 7.13 23.06
C GLY A 535 6.76 6.76 21.57
N SER A 536 7.63 7.35 20.78
CA SER A 536 7.80 7.03 19.39
C SER A 536 9.26 7.01 19.06
N LEU A 537 9.97 6.20 19.82
CA LEU A 537 11.41 6.07 19.72
C LEU A 537 11.75 5.18 18.51
N PRO A 538 12.97 5.25 18.03
CA PRO A 538 13.26 4.41 16.84
C PRO A 538 13.13 2.93 17.07
N GLN A 539 12.46 2.29 16.13
CA GLN A 539 12.10 0.88 16.33
C GLN A 539 11.82 0.24 15.01
N PHE A 540 12.04 -1.08 14.91
CA PHE A 540 11.46 -1.85 13.82
C PHE A 540 10.01 -2.14 14.13
N MET A 541 9.18 -2.06 13.09
CA MET A 541 7.79 -2.47 13.21
C MET A 541 7.57 -3.95 13.01
N GLU A 542 6.43 -4.43 13.51
CA GLU A 542 6.05 -5.87 13.48
C GLU A 542 6.19 -6.33 12.02
N PRO A 543 6.83 -7.48 11.77
CA PRO A 543 7.03 -7.94 10.40
C PRO A 543 5.71 -7.99 9.67
N GLY A 544 5.70 -7.36 8.53
CA GLY A 544 4.48 -7.29 7.68
C GLY A 544 3.45 -6.20 7.95
N LEU A 545 3.62 -5.44 9.03
CA LEU A 545 2.74 -4.31 9.30
C LEU A 545 2.76 -3.36 8.16
N VAL A 546 3.90 -3.31 7.47
CA VAL A 546 4.13 -2.42 6.39
C VAL A 546 3.19 -2.70 5.22
N LEU A 547 2.77 -3.95 5.05
CA LEU A 547 1.80 -4.34 4.01
C LEU A 547 2.33 -4.04 2.59
N HIS A 548 3.60 -4.48 2.34
CA HIS A 548 4.21 -4.34 1.07
C HIS A 548 4.67 -5.69 0.55
N LEU A 549 3.96 -6.73 0.93
CA LEU A 549 4.23 -8.11 0.48
C LEU A 549 4.27 -8.31 -1.00
N GLY A 550 5.34 -8.95 -1.48
CA GLY A 550 5.52 -9.17 -2.89
C GLY A 550 5.89 -10.59 -3.16
N GLY A 551 5.88 -10.92 -4.43
CA GLY A 551 6.57 -12.16 -4.92
C GLY A 551 5.87 -13.44 -4.60
N THR A 552 4.60 -13.37 -4.16
CA THR A 552 3.85 -14.58 -3.88
C THR A 552 3.37 -15.35 -5.14
N HIS A 553 3.30 -14.66 -6.29
CA HIS A 553 2.99 -15.30 -7.63
C HIS A 553 3.83 -14.60 -8.68
N ARG A 554 5.14 -14.71 -8.56
CA ARG A 554 6.04 -13.71 -9.15
C ARG A 554 6.18 -13.84 -10.67
N MET A 555 6.55 -12.72 -11.29
CA MET A 555 6.71 -12.59 -12.71
C MET A 555 8.17 -12.86 -13.17
N GLY A 556 8.26 -13.44 -14.35
CA GLY A 556 9.55 -13.56 -14.99
C GLY A 556 9.44 -13.92 -16.45
N PHE A 557 10.57 -13.96 -17.15
CA PHE A 557 10.54 -14.39 -18.55
C PHE A 557 10.28 -15.92 -18.77
N ASP A 558 10.87 -16.75 -17.94
CA ASP A 558 10.86 -18.18 -18.11
C ASP A 558 10.59 -18.85 -16.76
N GLU A 559 9.62 -19.77 -16.76
CA GLU A 559 8.98 -20.32 -15.54
C GLU A 559 10.02 -20.99 -14.74
N LYS A 560 10.85 -21.81 -15.42
CA LYS A 560 11.89 -22.57 -14.75
C LYS A 560 13.11 -21.71 -14.42
N GLU A 561 13.67 -20.99 -15.38
CA GLU A 561 14.94 -20.30 -15.16
C GLU A 561 14.80 -19.15 -14.20
N ASP A 562 13.58 -18.54 -14.19
CA ASP A 562 13.37 -17.34 -13.36
C ASP A 562 12.52 -17.70 -12.17
N ASN A 563 12.21 -18.97 -12.00
CA ASN A 563 11.45 -19.36 -10.81
C ASN A 563 10.18 -18.58 -10.59
N CYS A 564 9.26 -18.61 -11.55
CA CYS A 564 8.17 -17.69 -11.54
C CYS A 564 6.87 -18.32 -11.99
N CYS A 565 5.79 -17.56 -11.79
CA CYS A 565 4.43 -18.02 -12.06
C CYS A 565 3.72 -17.40 -13.26
N VAL A 566 4.04 -16.14 -13.55
CA VAL A 566 3.46 -15.40 -14.64
C VAL A 566 4.57 -14.76 -15.51
N ASN A 567 4.26 -14.52 -16.80
CA ASN A 567 5.13 -13.93 -17.74
C ASN A 567 4.99 -12.44 -17.70
N THR A 568 5.73 -11.71 -18.54
CA THR A 568 5.68 -10.29 -18.47
C THR A 568 4.34 -9.66 -18.96
N ASP A 569 3.38 -10.47 -19.44
CA ASP A 569 2.02 -10.00 -19.70
C ASP A 569 1.11 -10.36 -18.52
N SER A 570 1.71 -10.80 -17.45
CA SER A 570 1.00 -11.35 -16.28
C SER A 570 0.15 -12.60 -16.50
N ARG A 571 0.43 -13.33 -17.58
CA ARG A 571 -0.31 -14.55 -17.89
C ARG A 571 0.32 -15.69 -17.15
N VAL A 572 -0.51 -16.54 -16.53
CA VAL A 572 0.01 -17.74 -15.86
C VAL A 572 0.54 -18.71 -16.87
N PHE A 573 1.81 -19.11 -16.72
CA PHE A 573 2.46 -20.04 -17.65
C PHE A 573 1.54 -21.20 -17.93
N GLY A 574 1.43 -21.46 -19.20
CA GLY A 574 0.69 -22.63 -19.74
C GLY A 574 -0.79 -22.36 -20.00
N PHE A 575 -1.32 -21.30 -19.40
CA PHE A 575 -2.73 -21.00 -19.49
C PHE A 575 -2.99 -19.89 -20.50
N LYS A 576 -3.96 -20.08 -21.39
CA LYS A 576 -4.26 -19.09 -22.40
C LYS A 576 -4.98 -17.85 -21.83
N ASN A 577 -5.80 -18.03 -20.79
CA ASN A 577 -6.78 -17.02 -20.41
C ASN A 577 -6.86 -16.73 -18.95
N LEU A 578 -5.75 -16.91 -18.21
CA LEU A 578 -5.68 -16.65 -16.74
C LEU A 578 -4.57 -15.64 -16.53
N PHE A 579 -4.89 -14.53 -15.88
CA PHE A 579 -3.98 -13.46 -15.58
C PHE A 579 -4.02 -13.12 -14.10
N LEU A 580 -2.84 -12.84 -13.54
CA LEU A 580 -2.73 -12.33 -12.15
C LEU A 580 -2.28 -10.89 -12.12
N GLY A 581 -2.90 -10.10 -11.25
CA GLY A 581 -2.54 -8.73 -11.04
C GLY A 581 -2.27 -8.50 -9.55
N GLY A 582 -1.31 -7.61 -9.31
CA GLY A 582 -0.97 -7.23 -7.98
C GLY A 582 0.51 -7.33 -7.61
N CYS A 583 0.76 -6.95 -6.37
CA CYS A 583 2.09 -6.86 -5.88
C CYS A 583 2.72 -8.24 -5.75
N GLY A 584 1.91 -9.31 -5.63
CA GLY A 584 2.46 -10.68 -5.76
C GLY A 584 3.24 -11.02 -7.03
N ASN A 585 2.99 -10.21 -8.05
CA ASN A 585 3.72 -10.33 -9.31
C ASN A 585 5.17 -9.83 -9.23
N ILE A 586 5.45 -8.93 -8.31
CA ILE A 586 6.77 -8.26 -8.29
C ILE A 586 7.81 -9.22 -7.76
N PRO A 587 8.86 -9.48 -8.56
CA PRO A 587 9.81 -10.56 -8.20
C PRO A 587 11.13 -10.08 -7.61
N THR A 588 11.29 -8.75 -7.47
CA THR A 588 12.56 -8.17 -7.05
C THR A 588 12.52 -7.73 -5.60
N ALA A 589 13.70 -7.34 -5.10
CA ALA A 589 13.81 -6.76 -3.76
C ALA A 589 13.59 -5.24 -3.96
N TYR A 590 12.48 -4.75 -3.44
CA TYR A 590 12.13 -3.35 -3.55
C TYR A 590 11.81 -2.77 -2.25
N GLY A 591 12.11 -1.48 -2.13
CA GLY A 591 11.87 -0.70 -0.93
C GLY A 591 10.74 0.31 -1.08
N ALA A 592 10.57 0.89 -2.29
CA ALA A 592 9.48 1.83 -2.52
C ALA A 592 8.07 1.12 -2.42
N ASN A 593 7.04 1.90 -2.20
CA ASN A 593 5.68 1.36 -2.12
C ASN A 593 5.36 0.73 -3.49
N PRO A 594 4.89 -0.55 -3.52
CA PRO A 594 4.73 -1.29 -4.79
C PRO A 594 3.52 -1.05 -5.66
N THR A 595 2.48 -0.41 -5.16
CA THR A 595 1.20 -0.41 -5.91
C THR A 595 1.32 0.20 -7.31
N LEU A 596 2.06 1.31 -7.49
CA LEU A 596 2.10 1.94 -8.82
C LEU A 596 2.78 0.97 -9.82
N THR A 597 3.81 0.28 -9.33
CA THR A 597 4.48 -0.77 -10.10
C THR A 597 3.58 -1.90 -10.55
N ALA A 598 2.73 -2.34 -9.61
CA ALA A 598 1.77 -3.42 -9.87
C ALA A 598 0.79 -2.90 -10.90
N MET A 599 0.33 -1.66 -10.78
CA MET A 599 -0.63 -1.11 -11.76
C MET A 599 -0.01 -1.04 -13.14
N SER A 600 1.22 -0.67 -13.20
CA SER A 600 1.94 -0.52 -14.50
C SER A 600 2.01 -1.92 -15.19
N LEU A 601 2.26 -2.93 -14.38
CA LEU A 601 2.25 -4.33 -14.90
C LEU A 601 0.86 -4.71 -15.39
N ALA A 602 -0.21 -4.33 -14.66
CA ALA A 602 -1.60 -4.63 -15.08
C ALA A 602 -1.93 -3.90 -16.38
N ILE A 603 -1.42 -2.67 -16.56
CA ILE A 603 -1.65 -1.98 -17.82
C ILE A 603 -1.09 -2.80 -19.00
N LYS A 604 0.11 -3.39 -18.80
CA LYS A 604 0.81 -4.08 -19.84
C LYS A 604 0.03 -5.36 -20.08
N SER A 605 -0.48 -5.95 -18.99
CA SER A 605 -1.29 -7.19 -19.12
C SER A 605 -2.52 -6.94 -19.96
N CYS A 606 -3.16 -5.78 -19.76
CA CYS A 606 -4.34 -5.45 -20.48
C CYS A 606 -4.08 -5.19 -21.95
N GLU A 607 -2.87 -4.73 -22.29
CA GLU A 607 -2.49 -4.64 -23.72
C GLU A 607 -2.60 -6.02 -24.35
N TYR A 608 -2.06 -7.01 -23.65
CA TYR A 608 -2.06 -8.36 -24.21
C TYR A 608 -3.46 -8.81 -24.37
N ILE A 609 -4.30 -8.64 -23.36
CA ILE A 609 -5.68 -9.07 -23.47
C ILE A 609 -6.42 -8.43 -24.66
N LYS A 610 -6.25 -7.11 -24.84
CA LYS A 610 -6.89 -6.45 -25.95
C LYS A 610 -6.43 -6.91 -27.34
N GLN A 611 -5.18 -7.32 -27.42
CA GLN A 611 -4.58 -7.83 -28.66
C GLN A 611 -4.90 -9.29 -28.94
N ASN A 612 -5.43 -10.03 -27.97
CA ASN A 612 -5.57 -11.50 -28.06
C ASN A 612 -6.97 -12.10 -27.84
N PHE A 613 -7.89 -11.28 -27.40
CA PHE A 613 -9.30 -11.61 -27.19
C PHE A 613 -10.25 -10.54 -27.75
N THR A 614 -11.31 -11.00 -28.43
CA THR A 614 -12.30 -10.13 -29.03
C THR A 614 -13.50 -9.93 -28.11
N PRO A 615 -13.91 -8.67 -27.87
CA PRO A 615 -15.10 -8.43 -27.04
C PRO A 615 -16.33 -8.96 -27.70
N SER A 616 -17.28 -9.51 -26.93
CA SER A 616 -18.55 -10.01 -27.51
C SER A 616 -19.29 -8.84 -28.11
N PRO A 617 -20.27 -9.12 -29.00
CA PRO A 617 -21.06 -8.01 -29.45
C PRO A 617 -22.05 -7.57 -28.40
N PHE A 618 -22.31 -6.24 -28.41
CA PHE A 618 -23.05 -5.53 -27.37
C PHE A 618 -24.48 -6.08 -27.14
#